data_2J4W
#
_entry.id   2J4W
#
_cell.length_a   171.787
_cell.length_b   171.787
_cell.length_c   44.748
_cell.angle_alpha   90.00
_cell.angle_beta   90.00
_cell.angle_gamma   120.00
#
_symmetry.space_group_name_H-M   'P 63'
#
loop_
_entity.id
_entity.type
_entity.pdbx_description
1 polymer 'APICAL MEMBRANE ANTIGEN 1'
2 polymer 'FAB FRAGMENT OF MONOCLONAL ANTIBODY F8.12.19'
3 polymer 'FAB FRAGMENT OF MONOCLONAL ANTIBODY F8.12.19'
4 water water
#
loop_
_entity_poly.entity_id
_entity_poly.type
_entity_poly.pdbx_seq_one_letter_code
_entity_poly.pdbx_strand_id
1 'polypeptide(L)'
;PTVERSTRMGNPWKAFMEKYDIERTHSSGVRVDLGEDAEVENAKYRIPAGRCPVFGKGIVIENSDVSFLRPVATGDQKLK
DGGFAFPNANDHISPMTLANLKERYKDNVEMMKLNDIALCRTHAASFVMAGDQNSNYRHPAVYDEKEKTCHMLYLSAQEN
MGPRYCSPDAQNRDAVFCFKPDKDESFENLVYLSKNVRNDWDKKCPRKNLGNAKFGLWVDGNCEEIPYVKEVEAEDLREC
NRIVFGASASDQPTQYEEEMTDYQKIQQGFRQNNREMIKGAFLPVGAFNSDNFKSKGRGFNWANFDSVKRKCYIFNTKPT
CLINDKNFIATTALSHPQEVDLEFPCSIYKDEIEREIKKQSRNMNLYSVDGERIVLPRIFISNDKESIKCPCEPERISES
TCNFYVCNCVEKRAEIKELNQVVIKEEFRLYYELGEEKSNKQMLL
;
D
2 'polypeptide(L)'
;EVQLVESGGGLVKPGGSLKLSCAASGFIFSDYYMYWVRQTPEKRLEWVATISDGNSYTYYVDSVKGRFTISRDNAKNNLY
LQMSSLKSEDTAIYYCARDGPTDSSGYGGFGYWGQGTLVTVSEAKTTPPSVYPLAPGSAAQTNSMVTLGCLVKGYFPEPV
TVTWNSGSLSSGVHTFPAVLQSDLYTLSSSVTVPSSPRPSETVTCNVAHPASSTKVDKKIVPRDC
;
H
3 'polypeptide(L)'
;(PCA)SVLSQSPAILSASPGEKVTMTCRARSSVSYMHWYQQKSGSSPKPWIHATSNLASGVPARFSGSGSGTSYSLTISR
VEAEDAATYYCQQWSSHPPTFGSGTKLEIKRADAAPTVSIFPPSSEQLTSGGASVVCFLNNFYPKDINVKWKIDGSERQN
GVLNSWTDQDSKDSTYSMSSTLTLTKDEYERHNSYTCEATHKTSTSPIVKSFNRNEC
;
L
#
# COMPACT_ATOMS: atom_id res chain seq x y z
N ILE A 379 18.06 35.55 -10.14
CA ILE A 379 17.13 36.41 -9.32
C ILE A 379 16.81 35.70 -7.98
N PHE A 380 17.10 36.39 -6.86
CA PHE A 380 16.98 35.88 -5.48
C PHE A 380 15.52 35.89 -4.95
N ILE A 381 15.00 37.10 -4.74
CA ILE A 381 13.64 37.36 -4.32
C ILE A 381 12.97 38.18 -5.45
N SER A 382 11.65 38.37 -5.37
CA SER A 382 10.88 39.14 -6.35
C SER A 382 9.51 39.30 -5.77
N ASN A 383 8.77 40.30 -6.22
CA ASN A 383 7.34 40.31 -5.84
C ASN A 383 6.40 39.81 -6.96
N ASP A 384 7.02 39.18 -7.96
CA ASP A 384 6.36 38.47 -9.05
C ASP A 384 6.78 36.98 -8.98
N LYS A 385 5.83 36.13 -8.58
CA LYS A 385 6.01 34.68 -8.40
C LYS A 385 6.78 33.93 -9.52
N GLU A 386 6.43 34.19 -10.77
CA GLU A 386 7.07 33.53 -11.90
C GLU A 386 8.51 33.98 -12.16
N SER A 387 8.90 35.17 -11.71
CA SER A 387 10.22 35.73 -12.05
C SER A 387 11.38 34.92 -11.47
N ILE A 388 11.10 34.21 -10.38
CA ILE A 388 12.10 33.36 -9.69
C ILE A 388 12.49 32.06 -10.43
N LYS A 389 11.62 31.57 -11.32
CA LYS A 389 11.87 30.31 -12.00
C LYS A 389 12.26 29.22 -10.97
N CYS A 390 11.50 29.14 -9.88
CA CYS A 390 11.61 28.05 -8.91
C CYS A 390 11.08 26.72 -9.47
N PRO A 391 11.89 25.63 -9.36
CA PRO A 391 11.50 24.26 -9.75
C PRO A 391 10.35 23.73 -8.89
N CYS A 392 10.21 24.23 -7.66
CA CYS A 392 9.11 23.85 -6.81
C CYS A 392 8.28 25.09 -6.42
N GLU A 393 7.13 24.87 -5.78
CA GLU A 393 6.29 25.97 -5.36
C GLU A 393 7.13 26.95 -4.53
N PRO A 394 7.19 28.24 -4.92
CA PRO A 394 7.96 29.20 -4.13
C PRO A 394 7.38 29.48 -2.73
N GLU A 395 8.21 30.00 -1.84
CA GLU A 395 7.71 30.50 -0.60
C GLU A 395 7.15 31.95 -0.71
N ARG A 396 5.95 32.17 -0.18
CA ARG A 396 5.38 33.51 -0.17
C ARG A 396 5.51 34.17 1.21
N ILE A 397 6.19 35.30 1.24
CA ILE A 397 6.31 36.12 2.46
C ILE A 397 5.48 37.37 2.26
N SER A 398 4.51 37.62 3.14
CA SER A 398 3.61 38.79 3.02
C SER A 398 3.35 39.54 4.34
N GLU A 399 3.57 40.86 4.32
CA GLU A 399 3.70 41.68 5.55
C GLU A 399 2.50 42.58 5.93
N SER A 400 2.19 43.57 5.09
CA SER A 400 0.97 44.37 5.27
C SER A 400 -0.19 43.65 4.58
N THR A 401 -0.15 43.68 3.25
CA THR A 401 -1.10 42.96 2.35
C THR A 401 -0.40 42.71 1.00
N CYS A 402 0.93 42.87 1.02
CA CYS A 402 1.77 42.77 -0.17
C CYS A 402 2.84 41.66 -0.08
N ASN A 403 2.90 40.87 -1.16
CA ASN A 403 3.64 39.63 -1.20
C ASN A 403 5.05 39.77 -1.78
N PHE A 404 5.91 38.84 -1.36
CA PHE A 404 7.23 38.61 -1.93
C PHE A 404 7.41 37.10 -2.10
N TYR A 405 8.18 36.68 -3.07
CA TYR A 405 8.35 35.27 -3.28
C TYR A 405 9.80 34.95 -3.28
N VAL A 406 10.15 33.85 -2.64
CA VAL A 406 11.53 33.36 -2.63
C VAL A 406 11.55 31.87 -2.94
N CYS A 407 12.67 31.39 -3.44
CA CYS A 407 12.80 30.01 -3.90
C CYS A 407 13.75 29.26 -2.99
N ASN A 408 13.27 28.18 -2.38
CA ASN A 408 14.12 27.33 -1.53
C ASN A 408 14.54 26.02 -2.22
N CYS A 409 14.42 25.96 -3.53
CA CYS A 409 14.76 24.76 -4.27
C CYS A 409 15.78 25.11 -5.34
N VAL A 410 17.05 24.98 -5.02
CA VAL A 410 18.10 25.52 -5.86
C VAL A 410 18.42 24.58 -7.03
N GLU A 411 18.50 25.13 -8.23
CA GLU A 411 18.76 24.30 -9.39
C GLU A 411 20.23 24.40 -9.79
N LYS A 412 21.06 23.47 -9.32
CA LYS A 412 22.48 23.43 -9.68
C LYS A 412 22.67 22.73 -11.03
N GLU B 1 -12.25 21.16 1.58
CA GLU B 1 -11.04 20.32 1.79
C GLU B 1 -10.41 20.02 0.44
N VAL B 2 -9.08 20.06 0.43
CA VAL B 2 -8.34 19.76 -0.76
C VAL B 2 -8.57 18.32 -1.16
N GLN B 3 -8.81 18.11 -2.44
CA GLN B 3 -8.86 16.76 -2.96
C GLN B 3 -8.16 16.64 -4.29
N LEU B 4 -7.42 15.55 -4.45
CA LEU B 4 -6.77 15.19 -5.69
C LEU B 4 -7.22 13.79 -6.05
N VAL B 5 -7.85 13.61 -7.21
CA VAL B 5 -8.33 12.29 -7.57
C VAL B 5 -7.72 11.90 -8.89
N GLU B 6 -6.78 10.94 -8.90
CA GLU B 6 -6.15 10.44 -10.15
C GLU B 6 -7.06 9.49 -10.88
N SER B 7 -6.78 9.24 -12.15
CA SER B 7 -7.47 8.18 -12.87
C SER B 7 -6.72 7.85 -14.14
N GLY B 8 -7.19 6.82 -14.85
CA GLY B 8 -6.61 6.45 -16.13
C GLY B 8 -5.54 5.38 -16.01
N GLY B 9 -5.21 4.95 -14.78
CA GLY B 9 -4.17 3.93 -14.60
C GLY B 9 -4.61 2.62 -15.24
N GLY B 10 -3.68 1.85 -15.82
CA GLY B 10 -4.06 0.60 -16.43
C GLY B 10 -2.92 -0.29 -16.88
N LEU B 11 -3.26 -1.42 -17.48
CA LEU B 11 -2.28 -2.29 -18.12
C LEU B 11 -1.92 -1.70 -19.48
N VAL B 12 -0.63 -1.75 -19.83
CA VAL B 12 -0.11 -1.28 -21.11
C VAL B 12 1.12 -2.11 -21.45
N LYS B 13 1.21 -2.53 -22.70
CA LYS B 13 2.34 -3.29 -23.18
C LYS B 13 3.60 -2.46 -23.28
N PRO B 14 4.78 -3.09 -23.15
CA PRO B 14 6.01 -2.29 -23.34
C PRO B 14 5.97 -1.59 -24.67
N GLY B 15 6.46 -0.35 -24.68
CA GLY B 15 6.39 0.53 -25.85
C GLY B 15 5.07 1.26 -26.04
N GLY B 16 4.06 0.90 -25.27
CA GLY B 16 2.77 1.55 -25.44
C GLY B 16 2.72 2.91 -24.81
N SER B 17 1.53 3.50 -24.83
CA SER B 17 1.40 4.81 -24.26
C SER B 17 0.04 4.92 -23.55
N LEU B 18 -0.14 5.97 -22.72
CA LEU B 18 -1.24 6.10 -21.76
C LEU B 18 -1.22 7.48 -21.13
N LYS B 19 -2.40 7.96 -20.73
CA LYS B 19 -2.54 9.31 -20.26
C LYS B 19 -3.33 9.35 -18.94
N LEU B 20 -2.66 9.82 -17.87
CA LEU B 20 -3.28 9.91 -16.54
C LEU B 20 -3.95 11.27 -16.32
N SER B 21 -5.03 11.30 -15.56
CA SER B 21 -5.66 12.56 -15.23
C SER B 21 -5.59 12.68 -13.73
N CYS B 22 -5.69 13.90 -13.25
CA CYS B 22 -5.84 14.12 -11.85
C CYS B 22 -6.79 15.27 -11.73
N ALA B 23 -7.94 14.99 -11.11
CA ALA B 23 -9.02 15.94 -11.00
C ALA B 23 -8.91 16.66 -9.66
N ALA B 24 -8.41 17.89 -9.68
CA ALA B 24 -8.19 18.71 -8.47
C ALA B 24 -9.43 19.50 -8.06
N SER B 25 -9.70 19.62 -6.76
CA SER B 25 -10.77 20.53 -6.23
C SER B 25 -10.57 20.95 -4.79
N GLY B 26 -11.41 21.88 -4.33
CA GLY B 26 -11.26 22.52 -3.01
C GLY B 26 -10.18 23.58 -2.85
N PHE B 27 -9.61 24.09 -3.93
CA PHE B 27 -8.64 25.22 -3.87
C PHE B 27 -8.56 25.88 -5.25
N ILE B 28 -7.83 26.97 -5.41
CA ILE B 28 -7.71 27.56 -6.73
C ILE B 28 -6.63 26.87 -7.54
N PHE B 29 -7.03 25.94 -8.40
CA PHE B 29 -6.08 25.07 -9.08
C PHE B 29 -4.93 25.86 -9.67
N SER B 30 -5.26 27.01 -10.20
CA SER B 30 -4.30 27.71 -11.03
C SER B 30 -3.32 28.54 -10.22
N ASP B 31 -3.53 28.61 -8.90
CA ASP B 31 -2.58 29.27 -7.97
C ASP B 31 -1.41 28.41 -7.54
N TYR B 32 -1.33 27.17 -8.00
CA TYR B 32 -0.36 26.23 -7.49
C TYR B 32 0.38 25.43 -8.55
N TYR B 33 1.66 25.19 -8.31
CA TYR B 33 2.41 24.14 -9.02
C TYR B 33 1.79 22.79 -8.77
N MET B 34 2.01 21.87 -9.69
CA MET B 34 1.50 20.53 -9.53
C MET B 34 2.61 19.54 -9.89
N TYR B 35 2.59 18.38 -9.26
CA TYR B 35 3.65 17.39 -9.37
C TYR B 35 3.10 16.05 -9.66
N TRP B 36 3.91 15.17 -10.24
CA TRP B 36 3.63 13.74 -10.23
C TRP B 36 4.77 13.09 -9.51
N VAL B 37 4.41 12.13 -8.65
CA VAL B 37 5.35 11.35 -7.88
C VAL B 37 4.87 9.93 -8.03
N ARG B 38 5.79 8.99 -8.18
CA ARG B 38 5.38 7.58 -8.29
C ARG B 38 6.04 6.65 -7.24
N GLN B 39 5.37 5.54 -6.96
CA GLN B 39 5.95 4.55 -6.09
C GLN B 39 6.03 3.21 -6.83
N THR B 40 7.24 2.67 -6.92
CA THR B 40 7.51 1.40 -7.62
C THR B 40 7.07 0.18 -6.82
N PRO B 41 7.02 -0.99 -7.45
CA PRO B 41 6.67 -2.21 -6.70
C PRO B 41 7.56 -2.48 -5.48
N GLU B 42 8.86 -2.16 -5.52
CA GLU B 42 9.76 -2.22 -4.35
C GLU B 42 9.55 -1.06 -3.32
N LYS B 43 8.54 -0.23 -3.54
CA LYS B 43 8.20 0.87 -2.63
C LYS B 43 9.16 2.05 -2.62
N ARG B 44 10.07 2.15 -3.62
CA ARG B 44 10.89 3.36 -3.71
C ARG B 44 10.01 4.52 -4.19
N LEU B 45 10.13 5.67 -3.54
CA LEU B 45 9.42 6.87 -3.97
C LEU B 45 10.26 7.76 -4.91
N GLU B 46 9.64 8.21 -6.01
CA GLU B 46 10.35 8.97 -7.06
C GLU B 46 9.51 10.10 -7.61
N TRP B 47 10.09 11.29 -7.56
CA TRP B 47 9.48 12.40 -8.23
C TRP B 47 9.53 12.16 -9.76
N VAL B 48 8.44 12.40 -10.47
CA VAL B 48 8.53 12.28 -11.91
C VAL B 48 8.50 13.60 -12.71
N ALA B 49 7.60 14.52 -12.34
CA ALA B 49 7.45 15.73 -13.13
C ALA B 49 6.82 16.87 -12.34
N THR B 50 7.17 18.10 -12.71
CA THR B 50 6.58 19.33 -12.18
C THR B 50 6.04 20.22 -13.30
N ILE B 51 4.92 20.87 -13.07
CA ILE B 51 4.46 21.94 -13.93
C ILE B 51 4.13 23.14 -13.05
N SER B 52 4.75 24.27 -13.37
CA SER B 52 4.52 25.49 -12.66
C SER B 52 3.11 26.01 -12.90
N ASP B 53 2.69 26.97 -12.09
CA ASP B 53 1.54 27.75 -12.45
C ASP B 53 2.05 28.99 -13.26
N GLY B 54 1.18 29.95 -13.57
CA GLY B 54 1.55 31.01 -14.53
C GLY B 54 1.88 30.46 -15.90
N ASN B 55 3.00 30.83 -16.49
CA ASN B 55 3.34 30.27 -17.81
C ASN B 55 4.02 28.92 -17.70
N SER B 56 3.50 27.92 -18.40
CA SER B 56 4.03 26.55 -18.25
C SER B 56 5.55 26.48 -18.13
N TYR B 57 6.02 26.15 -16.95
CA TYR B 57 7.36 25.68 -16.86
C TYR B 57 7.29 24.23 -16.47
N THR B 58 7.89 23.35 -17.27
CA THR B 58 7.89 21.93 -16.96
C THR B 58 9.28 21.37 -16.62
N TYR B 59 9.32 20.39 -15.71
CA TYR B 59 10.57 19.76 -15.32
C TYR B 59 10.35 18.24 -15.29
N TYR B 60 11.42 17.48 -15.55
CA TYR B 60 11.33 16.01 -15.60
C TYR B 60 12.49 15.31 -14.92
N VAL B 61 12.23 14.11 -14.43
CA VAL B 61 13.29 13.22 -13.98
C VAL B 61 13.94 12.63 -15.23
N ASP B 62 15.26 12.44 -15.21
CA ASP B 62 16.00 12.07 -16.43
C ASP B 62 15.42 10.86 -17.09
N SER B 63 15.18 9.78 -16.33
CA SER B 63 14.68 8.52 -16.90
C SER B 63 13.39 8.68 -17.68
N VAL B 64 12.77 9.85 -17.62
CA VAL B 64 11.50 10.04 -18.24
C VAL B 64 11.50 11.10 -19.34
N LYS B 65 12.55 11.89 -19.39
CA LYS B 65 12.72 12.95 -20.39
C LYS B 65 12.52 12.47 -21.83
N GLY B 66 11.76 13.23 -22.62
CA GLY B 66 11.39 12.81 -23.98
C GLY B 66 10.32 11.72 -24.11
N ARG B 67 9.85 11.17 -22.99
CA ARG B 67 8.88 10.08 -23.04
C ARG B 67 7.58 10.53 -22.39
N PHE B 68 7.70 11.20 -21.22
CA PHE B 68 6.51 11.78 -20.56
C PHE B 68 6.28 13.25 -20.86
N THR B 69 5.05 13.68 -20.71
CA THR B 69 4.68 15.06 -20.86
C THR B 69 3.65 15.37 -19.79
N ILE B 70 3.93 16.38 -18.98
CA ILE B 70 3.00 16.82 -17.95
C ILE B 70 2.29 18.05 -18.49
N SER B 71 0.98 18.17 -18.27
CA SER B 71 0.29 19.35 -18.73
C SER B 71 -0.82 19.68 -17.77
N ARG B 72 -1.48 20.80 -17.97
CA ARG B 72 -2.57 21.16 -17.06
C ARG B 72 -3.63 21.87 -17.83
N ASP B 73 -4.86 21.83 -17.31
CA ASP B 73 -5.97 22.49 -17.93
C ASP B 73 -6.68 23.25 -16.84
N ASN B 74 -6.42 24.55 -16.76
CA ASN B 74 -6.92 25.33 -15.65
C ASN B 74 -8.41 25.58 -15.79
N ALA B 75 -8.91 25.49 -17.02
CA ALA B 75 -10.36 25.60 -17.23
C ALA B 75 -11.09 24.43 -16.56
N LYS B 76 -10.51 23.25 -16.68
CA LYS B 76 -11.15 22.05 -16.19
C LYS B 76 -10.61 21.54 -14.86
N ASN B 77 -9.79 22.34 -14.17
CA ASN B 77 -9.09 21.94 -12.93
C ASN B 77 -8.36 20.56 -13.01
N ASN B 78 -7.75 20.22 -14.14
CA ASN B 78 -7.10 18.93 -14.27
C ASN B 78 -5.61 19.02 -14.54
N LEU B 79 -4.90 18.02 -14.04
CA LEU B 79 -3.49 17.83 -14.32
C LEU B 79 -3.43 16.51 -15.11
N TYR B 80 -2.47 16.37 -16.03
CA TYR B 80 -2.31 15.21 -16.87
C TYR B 80 -0.85 14.75 -16.98
N LEU B 81 -0.67 13.50 -17.36
CA LEU B 81 0.62 12.95 -17.58
C LEU B 81 0.51 12.07 -18.81
N GLN B 82 0.94 12.60 -19.94
CA GLN B 82 1.05 11.79 -21.13
C GLN B 82 2.32 10.95 -21.03
N MET B 83 2.14 9.64 -21.00
CA MET B 83 3.28 8.74 -21.05
C MET B 83 3.32 8.09 -22.42
N SER B 84 4.53 7.75 -22.87
CA SER B 84 4.73 7.00 -24.11
C SER B 84 6.08 6.28 -24.09
N SER B 85 6.32 5.43 -25.09
CA SER B 85 7.42 4.46 -25.06
C SER B 85 7.59 3.86 -23.67
N LEU B 86 6.51 3.25 -23.17
CA LEU B 86 6.48 2.79 -21.77
C LEU B 86 7.41 1.63 -21.53
N LYS B 87 8.10 1.63 -20.38
CA LYS B 87 9.03 0.57 -20.02
C LYS B 87 8.56 -0.12 -18.76
N SER B 88 8.92 -1.40 -18.60
CA SER B 88 8.47 -2.15 -17.42
C SER B 88 8.82 -1.40 -16.13
N GLU B 89 9.98 -0.73 -16.09
CA GLU B 89 10.37 0.18 -14.97
C GLU B 89 9.40 1.32 -14.63
N ASP B 90 8.49 1.68 -15.54
CA ASP B 90 7.58 2.76 -15.25
C ASP B 90 6.43 2.22 -14.46
N THR B 91 6.46 0.91 -14.20
CA THR B 91 5.41 0.29 -13.41
C THR B 91 5.43 0.85 -11.97
N ALA B 92 4.28 1.35 -11.51
CA ALA B 92 4.20 2.05 -10.22
C ALA B 92 2.82 2.60 -10.02
N ILE B 93 2.57 3.02 -8.79
CA ILE B 93 1.42 3.87 -8.47
C ILE B 93 1.83 5.30 -8.81
N TYR B 94 0.99 6.01 -9.56
CA TYR B 94 1.27 7.42 -9.86
C TYR B 94 0.38 8.30 -9.00
N TYR B 95 1.03 9.21 -8.25
CA TYR B 95 0.33 10.19 -7.41
C TYR B 95 0.53 11.58 -7.95
N CYS B 96 -0.53 12.35 -7.91
CA CYS B 96 -0.43 13.71 -8.29
C CYS B 96 -0.34 14.38 -6.91
N ALA B 97 0.42 15.47 -6.83
CA ALA B 97 0.58 16.19 -5.58
C ALA B 97 0.75 17.72 -5.79
N ARG B 98 0.69 18.48 -4.70
CA ARG B 98 1.04 19.92 -4.63
C ARG B 98 1.60 20.28 -3.25
N ASP B 99 2.22 21.46 -3.12
CA ASP B 99 2.67 21.98 -1.82
C ASP B 99 1.56 22.02 -0.79
N GLY B 100 1.92 22.14 0.48
CA GLY B 100 0.94 22.18 1.58
C GLY B 100 0.18 23.49 1.74
N PRO B 101 -0.41 23.70 2.93
CA PRO B 101 -1.23 24.89 3.21
C PRO B 101 -0.33 26.09 3.48
N THR B 102 -0.95 27.25 3.67
CA THR B 102 -0.18 28.50 3.69
C THR B 102 0.89 28.58 4.80
N ASP B 103 0.68 27.92 5.93
CA ASP B 103 1.79 27.87 6.90
C ASP B 103 2.84 26.81 6.53
N SER B 104 2.42 25.55 6.41
CA SER B 104 3.30 24.45 5.95
C SER B 104 3.75 24.41 4.46
N SER B 105 4.21 25.52 3.88
CA SER B 105 4.56 25.49 2.45
C SER B 105 5.68 26.41 1.98
N GLY B 106 6.20 26.13 0.79
CA GLY B 106 7.25 26.95 0.24
C GLY B 106 8.63 26.37 0.32
N TYR B 107 8.74 25.16 0.86
CA TYR B 107 10.03 24.59 1.19
C TYR B 107 10.36 23.30 0.46
N GLY B 108 9.59 22.99 -0.61
CA GLY B 108 9.87 21.84 -1.44
C GLY B 108 9.25 20.53 -0.96
N GLY B 109 8.23 20.62 -0.09
CA GLY B 109 7.50 19.45 0.35
C GLY B 109 6.24 19.10 -0.44
N PHE B 110 5.81 17.85 -0.33
CA PHE B 110 4.62 17.39 -1.02
C PHE B 110 3.48 17.32 0.05
N GLY B 111 2.64 18.35 0.07
CA GLY B 111 1.74 18.61 1.15
C GLY B 111 0.39 17.97 0.97
N TYR B 112 0.03 17.65 -0.28
CA TYR B 112 -1.18 16.86 -0.48
C TYR B 112 -0.90 15.86 -1.58
N TRP B 113 -1.35 14.62 -1.39
CA TRP B 113 -1.17 13.56 -2.40
C TRP B 113 -2.54 13.05 -2.75
N GLY B 114 -2.75 12.61 -3.99
CA GLY B 114 -4.01 11.92 -4.32
C GLY B 114 -3.98 10.48 -3.79
N GLN B 115 -4.94 9.65 -4.18
CA GLN B 115 -4.88 8.28 -3.69
C GLN B 115 -4.05 7.39 -4.59
N GLY B 116 -3.69 7.89 -5.77
CA GLY B 116 -2.79 7.19 -6.67
C GLY B 116 -3.53 6.34 -7.68
N THR B 117 -2.84 6.02 -8.76
CA THR B 117 -3.40 5.17 -9.82
C THR B 117 -2.29 4.27 -10.35
N LEU B 118 -2.62 3.01 -10.55
CA LEU B 118 -1.59 2.00 -10.82
C LEU B 118 -1.37 1.84 -12.33
N VAL B 119 -0.10 1.90 -12.73
CA VAL B 119 0.26 1.71 -14.12
C VAL B 119 1.11 0.44 -14.14
N THR B 120 0.64 -0.54 -14.91
CA THR B 120 1.34 -1.78 -15.09
C THR B 120 1.76 -1.80 -16.54
N VAL B 121 3.04 -2.08 -16.76
CA VAL B 121 3.60 -2.19 -18.07
C VAL B 121 4.07 -3.66 -18.28
N SER B 122 3.31 -4.41 -19.08
CA SER B 122 3.50 -5.85 -19.21
C SER B 122 2.83 -6.43 -20.47
N GLU B 123 3.34 -7.58 -20.91
CA GLU B 123 2.82 -8.31 -22.07
C GLU B 123 1.65 -9.22 -21.72
N ALA B 124 1.47 -9.47 -20.44
CA ALA B 124 0.45 -10.41 -19.97
C ALA B 124 -1.00 -9.90 -20.24
N LYS B 125 -1.92 -10.82 -20.54
CA LYS B 125 -3.32 -10.52 -20.89
C LYS B 125 -4.14 -10.07 -19.68
N THR B 126 -5.06 -9.14 -19.88
CA THR B 126 -5.96 -8.90 -18.75
C THR B 126 -6.88 -10.12 -18.49
N THR B 127 -7.18 -10.44 -17.24
CA THR B 127 -7.95 -11.64 -16.87
C THR B 127 -8.78 -11.34 -15.63
N PRO B 128 -10.08 -11.67 -15.66
CA PRO B 128 -10.87 -11.36 -14.48
C PRO B 128 -10.56 -12.32 -13.34
N PRO B 129 -10.86 -11.96 -12.08
CA PRO B 129 -10.67 -12.94 -10.98
C PRO B 129 -11.70 -14.06 -11.03
N SER B 130 -11.45 -15.16 -10.34
CA SER B 130 -12.53 -16.06 -9.92
C SER B 130 -12.68 -15.98 -8.39
N VAL B 131 -13.90 -15.73 -7.91
CA VAL B 131 -14.14 -15.48 -6.50
C VAL B 131 -14.83 -16.71 -5.89
N TYR B 132 -14.25 -17.25 -4.83
CA TYR B 132 -14.76 -18.48 -4.24
C TYR B 132 -15.02 -18.24 -2.79
N PRO B 133 -16.25 -18.52 -2.32
CA PRO B 133 -16.57 -18.38 -0.90
C PRO B 133 -15.93 -19.51 -0.09
N LEU B 134 -15.38 -19.17 1.06
CA LEU B 134 -14.71 -20.14 1.91
C LEU B 134 -15.50 -20.25 3.21
N ALA B 135 -16.20 -21.37 3.38
CA ALA B 135 -16.98 -21.63 4.59
C ALA B 135 -16.35 -22.77 5.36
N PRO B 136 -16.51 -22.78 6.69
CA PRO B 136 -15.93 -23.90 7.46
C PRO B 136 -16.47 -25.29 7.02
N GLY B 137 -15.60 -26.31 6.96
CA GLY B 137 -16.03 -27.70 6.74
C GLY B 137 -16.58 -28.38 8.01
N SER B 138 -16.50 -29.72 8.02
CA SER B 138 -16.80 -30.60 9.19
C SER B 138 -17.13 -29.96 10.57
N ALA B 139 -16.13 -29.81 11.44
CA ALA B 139 -16.35 -29.11 12.72
C ALA B 139 -15.99 -27.62 12.61
N ALA B 140 -14.97 -27.18 13.37
CA ALA B 140 -14.71 -25.74 13.62
C ALA B 140 -16.01 -25.05 14.09
N GLN B 141 -16.66 -25.71 15.07
CA GLN B 141 -18.00 -25.37 15.53
C GLN B 141 -18.08 -23.99 16.22
N THR B 142 -17.19 -23.74 17.19
CA THR B 142 -17.14 -22.44 17.90
C THR B 142 -16.01 -22.27 18.96
N ASN B 143 -15.12 -21.31 18.71
CA ASN B 143 -14.26 -20.68 19.75
C ASN B 143 -15.06 -19.50 20.31
N SER B 144 -16.40 -19.59 20.19
CA SER B 144 -17.34 -18.45 20.14
C SER B 144 -17.30 -17.71 18.78
N MET B 145 -16.17 -17.80 18.09
CA MET B 145 -15.91 -17.07 16.85
C MET B 145 -15.82 -18.05 15.68
N VAL B 146 -16.42 -17.68 14.55
CA VAL B 146 -16.18 -18.39 13.27
C VAL B 146 -15.43 -17.47 12.32
N THR B 147 -14.58 -18.09 11.51
CA THR B 147 -13.82 -17.39 10.50
C THR B 147 -14.30 -17.78 9.09
N LEU B 148 -14.73 -16.81 8.30
CA LEU B 148 -15.06 -17.10 6.91
C LEU B 148 -14.01 -16.48 5.97
N GLY B 149 -14.06 -16.82 4.70
CA GLY B 149 -13.09 -16.30 3.77
C GLY B 149 -13.54 -16.14 2.33
N CYS B 150 -12.72 -15.45 1.56
CA CYS B 150 -12.98 -15.21 0.16
C CYS B 150 -11.68 -15.51 -0.55
N LEU B 151 -11.71 -16.33 -1.59
CA LEU B 151 -10.51 -16.58 -2.36
C LEU B 151 -10.71 -15.90 -3.70
N VAL B 152 -9.83 -14.96 -4.03
CA VAL B 152 -9.91 -14.20 -5.29
C VAL B 152 -8.74 -14.63 -6.18
N LYS B 153 -9.04 -15.47 -7.17
CA LYS B 153 -8.00 -16.24 -7.84
C LYS B 153 -7.93 -16.00 -9.35
N GLY B 154 -6.70 -15.92 -9.86
CA GLY B 154 -6.41 -15.95 -11.29
C GLY B 154 -6.59 -14.67 -12.10
N TYR B 155 -6.41 -13.51 -11.49
CA TYR B 155 -6.60 -12.25 -12.21
C TYR B 155 -5.33 -11.44 -12.57
N PHE B 156 -5.50 -10.52 -13.51
CA PHE B 156 -4.41 -9.64 -13.94
C PHE B 156 -5.04 -8.51 -14.73
N PRO B 157 -4.56 -7.27 -14.55
CA PRO B 157 -3.53 -6.88 -13.61
C PRO B 157 -4.21 -6.52 -12.30
N GLU B 158 -3.39 -6.02 -11.38
CA GLU B 158 -3.83 -5.46 -10.13
C GLU B 158 -4.45 -4.10 -10.41
N PRO B 159 -5.34 -3.60 -9.53
CA PRO B 159 -5.80 -3.98 -8.24
C PRO B 159 -7.17 -4.66 -8.25
N VAL B 160 -7.54 -5.26 -7.11
CA VAL B 160 -8.92 -5.59 -6.82
C VAL B 160 -9.33 -4.87 -5.55
N THR B 161 -10.61 -4.86 -5.27
CA THR B 161 -11.13 -4.34 -4.03
C THR B 161 -11.87 -5.50 -3.39
N VAL B 162 -11.76 -5.61 -2.07
CA VAL B 162 -12.51 -6.60 -1.35
C VAL B 162 -13.14 -5.96 -0.16
N THR B 163 -14.35 -6.41 0.15
CA THR B 163 -15.20 -5.73 1.08
C THR B 163 -16.12 -6.79 1.69
N TRP B 164 -16.60 -6.56 2.90
CA TRP B 164 -17.56 -7.50 3.48
C TRP B 164 -18.85 -6.75 3.77
N ASN B 165 -20.01 -7.33 3.40
CA ASN B 165 -21.31 -6.65 3.55
C ASN B 165 -21.16 -5.15 3.20
N SER B 166 -20.69 -4.88 1.99
CA SER B 166 -20.45 -3.53 1.49
C SER B 166 -19.77 -2.63 2.51
N GLY B 167 -18.81 -3.18 3.24
CA GLY B 167 -18.11 -2.42 4.25
C GLY B 167 -18.74 -2.27 5.63
N SER B 168 -19.94 -2.82 5.85
CA SER B 168 -20.51 -2.83 7.21
C SER B 168 -19.69 -3.71 8.15
N LEU B 169 -18.91 -4.62 7.58
CA LEU B 169 -17.94 -5.43 8.33
C LEU B 169 -16.55 -5.03 7.96
N SER B 170 -15.90 -4.31 8.86
CA SER B 170 -14.49 -3.97 8.70
C SER B 170 -13.71 -4.53 9.87
N SER B 171 -14.41 -4.71 10.99
CA SER B 171 -13.81 -5.22 12.19
C SER B 171 -13.66 -6.73 12.03
N GLY B 172 -12.47 -7.23 12.29
CA GLY B 172 -12.19 -8.64 12.14
C GLY B 172 -11.86 -9.06 10.71
N VAL B 173 -11.48 -8.14 9.82
CA VAL B 173 -11.11 -8.61 8.47
C VAL B 173 -9.62 -8.59 8.22
N HIS B 174 -9.11 -9.56 7.47
CA HIS B 174 -7.73 -9.49 7.01
C HIS B 174 -7.74 -9.73 5.51
N THR B 175 -7.48 -8.69 4.72
CA THR B 175 -7.33 -8.85 3.29
C THR B 175 -5.83 -8.90 3.02
N PHE B 176 -5.38 -10.03 2.48
CA PHE B 176 -3.97 -10.23 2.24
C PHE B 176 -3.50 -9.65 0.93
N PRO B 177 -2.25 -9.15 0.90
CA PRO B 177 -1.69 -8.63 -0.37
C PRO B 177 -1.62 -9.72 -1.42
N ALA B 178 -1.97 -9.35 -2.65
CA ALA B 178 -1.94 -10.25 -3.79
C ALA B 178 -0.52 -10.79 -3.96
N VAL B 179 -0.39 -12.06 -4.35
CA VAL B 179 0.90 -12.62 -4.82
C VAL B 179 0.84 -12.98 -6.29
N LEU B 180 1.83 -12.53 -7.07
CA LEU B 180 1.95 -12.86 -8.48
C LEU B 180 2.54 -14.26 -8.68
N GLN B 181 1.98 -15.07 -9.57
CA GLN B 181 2.47 -16.43 -9.79
C GLN B 181 2.77 -16.69 -11.25
N SER B 182 1.78 -17.14 -12.03
CA SER B 182 2.10 -17.38 -13.46
C SER B 182 1.48 -16.30 -14.30
N ASP B 183 2.02 -15.09 -14.15
CA ASP B 183 1.39 -13.86 -14.65
C ASP B 183 -0.06 -13.65 -14.17
N LEU B 184 -0.41 -14.27 -13.05
CA LEU B 184 -1.73 -14.12 -12.47
C LEU B 184 -1.59 -13.90 -11.00
N TYR B 185 -2.39 -12.97 -10.52
CA TYR B 185 -2.48 -12.65 -9.09
C TYR B 185 -3.47 -13.53 -8.36
N THR B 186 -3.21 -13.79 -7.08
CA THR B 186 -4.19 -14.44 -6.20
C THR B 186 -4.18 -13.70 -4.86
N LEU B 187 -5.31 -13.66 -4.21
CA LEU B 187 -5.50 -12.84 -3.00
C LEU B 187 -6.57 -13.53 -2.21
N SER B 188 -6.50 -13.43 -0.91
CA SER B 188 -7.58 -13.99 -0.08
C SER B 188 -7.90 -12.98 1.00
N SER B 189 -9.04 -13.16 1.64
CA SER B 189 -9.48 -12.27 2.69
C SER B 189 -10.27 -13.12 3.67
N SER B 190 -10.06 -12.86 4.96
CA SER B 190 -10.78 -13.57 6.00
C SER B 190 -11.64 -12.62 6.84
N VAL B 191 -12.71 -13.14 7.41
CA VAL B 191 -13.49 -12.35 8.34
C VAL B 191 -13.86 -13.24 9.51
N THR B 192 -13.82 -12.67 10.72
CA THR B 192 -14.15 -13.43 11.91
C THR B 192 -15.34 -12.78 12.58
N VAL B 193 -16.41 -13.55 12.75
CA VAL B 193 -17.62 -13.04 13.41
C VAL B 193 -18.01 -13.88 14.62
N PRO B 194 -18.87 -13.33 15.50
CA PRO B 194 -19.34 -14.27 16.53
C PRO B 194 -20.21 -15.37 15.91
N SER B 195 -20.32 -16.51 16.58
CA SER B 195 -21.26 -17.58 16.16
C SER B 195 -22.73 -17.19 16.19
N SER B 196 -23.05 -16.04 16.79
CA SER B 196 -24.35 -15.38 16.59
C SER B 196 -24.55 -15.01 15.10
N PRO B 197 -23.82 -14.01 14.56
CA PRO B 197 -24.01 -13.68 13.15
C PRO B 197 -24.18 -14.84 12.17
N ARG B 198 -23.33 -15.88 12.25
CA ARG B 198 -23.32 -16.83 11.15
C ARG B 198 -23.62 -18.25 11.53
N PRO B 199 -24.34 -18.99 10.66
CA PRO B 199 -24.94 -18.50 9.41
C PRO B 199 -26.28 -17.76 9.50
N SER B 200 -26.76 -17.43 10.70
CA SER B 200 -28.12 -16.84 10.82
C SER B 200 -28.28 -15.47 10.16
N GLU B 201 -27.52 -14.46 10.59
CA GLU B 201 -27.39 -13.24 9.79
C GLU B 201 -26.55 -13.56 8.54
N THR B 202 -26.41 -12.61 7.63
CA THR B 202 -25.79 -12.89 6.32
C THR B 202 -24.36 -12.34 6.23
N VAL B 203 -23.52 -13.05 5.49
CA VAL B 203 -22.11 -12.61 5.30
C VAL B 203 -21.63 -12.70 3.84
N THR B 204 -21.34 -11.52 3.29
CA THR B 204 -21.05 -11.42 1.86
C THR B 204 -19.71 -10.75 1.51
N CYS B 205 -19.05 -11.39 0.57
CA CYS B 205 -17.82 -10.94 0.02
C CYS B 205 -18.06 -10.09 -1.21
N ASN B 206 -17.64 -8.82 -1.20
CA ASN B 206 -17.81 -7.95 -2.39
C ASN B 206 -16.50 -7.71 -3.11
N VAL B 207 -16.39 -8.21 -4.33
CA VAL B 207 -15.17 -7.97 -5.08
C VAL B 207 -15.32 -7.35 -6.43
N ALA B 208 -14.40 -6.45 -6.71
CA ALA B 208 -14.44 -5.65 -7.91
C ALA B 208 -13.07 -5.64 -8.53
N HIS B 209 -13.06 -5.86 -9.85
CA HIS B 209 -11.84 -5.81 -10.64
C HIS B 209 -12.14 -5.01 -11.90
N PRO B 210 -11.95 -3.69 -11.83
CA PRO B 210 -12.38 -2.77 -12.89
C PRO B 210 -11.69 -2.98 -14.24
N ALA B 211 -10.40 -3.32 -14.26
CA ALA B 211 -9.70 -3.63 -15.52
C ALA B 211 -10.43 -4.68 -16.35
N SER B 212 -11.15 -5.61 -15.71
CA SER B 212 -11.90 -6.57 -16.50
C SER B 212 -13.38 -6.34 -16.32
N SER B 213 -13.76 -5.21 -15.74
CA SER B 213 -15.17 -4.93 -15.48
C SER B 213 -15.89 -5.98 -14.62
N THR B 214 -15.18 -6.70 -13.75
CA THR B 214 -15.83 -7.68 -12.92
C THR B 214 -16.30 -7.02 -11.63
N LYS B 215 -17.51 -7.33 -11.20
CA LYS B 215 -18.01 -6.85 -9.90
C LYS B 215 -18.85 -7.97 -9.37
N VAL B 216 -18.50 -8.55 -8.21
CA VAL B 216 -19.12 -9.83 -7.78
C VAL B 216 -19.45 -9.90 -6.30
N ASP B 217 -20.54 -10.55 -5.95
CA ASP B 217 -20.78 -10.87 -4.55
C ASP B 217 -20.88 -12.37 -4.35
N LYS B 218 -20.09 -12.92 -3.43
CA LYS B 218 -20.29 -14.29 -3.02
C LYS B 218 -20.79 -14.29 -1.59
N LYS B 219 -21.93 -14.93 -1.38
CA LYS B 219 -22.51 -15.03 -0.05
C LYS B 219 -21.88 -16.26 0.62
N ILE B 220 -21.59 -16.19 1.91
CA ILE B 220 -21.02 -17.40 2.53
C ILE B 220 -22.14 -18.27 3.10
N VAL B 221 -22.41 -19.36 2.38
CA VAL B 221 -23.43 -20.34 2.79
C VAL B 221 -22.70 -21.58 3.29
N PRO B 222 -23.21 -22.23 4.37
CA PRO B 222 -22.54 -23.40 4.95
C PRO B 222 -22.40 -24.49 3.92
N ARG B 223 -21.57 -25.48 4.18
CA ARG B 223 -21.30 -26.46 3.15
C ARG B 223 -22.42 -27.49 2.98
N ASP B 224 -22.78 -27.75 1.73
CA ASP B 224 -23.67 -28.87 1.42
C ASP B 224 -22.83 -30.14 1.18
N CYS B 225 -23.49 -31.28 0.99
CA CYS B 225 -22.80 -32.59 1.02
C CYS B 225 -22.04 -33.03 -0.27
N SER C 2 21.21 14.95 -4.93
CA SER C 2 21.39 14.97 -3.48
C SER C 2 20.70 13.78 -2.81
N VAL C 3 21.24 12.60 -3.11
CA VAL C 3 20.73 11.29 -2.71
C VAL C 3 20.68 11.08 -1.15
N LEU C 4 19.69 10.30 -0.69
CA LEU C 4 19.44 10.16 0.74
C LEU C 4 19.53 8.72 1.23
N SER C 5 20.36 8.51 2.27
CA SER C 5 20.43 7.24 3.00
C SER C 5 19.65 7.29 4.32
N GLN C 6 18.79 6.32 4.51
CA GLN C 6 18.02 6.26 5.72
C GLN C 6 18.49 5.08 6.52
N SER C 7 18.66 5.32 7.81
CA SER C 7 18.95 4.21 8.69
C SER C 7 18.25 4.34 10.05
N PRO C 8 17.95 3.18 10.67
CA PRO C 8 18.19 1.85 10.09
C PRO C 8 17.06 1.51 9.13
N ALA C 9 17.15 0.40 8.43
CA ALA C 9 16.09 0.02 7.51
C ALA C 9 14.83 -0.39 8.31
N ILE C 10 15.05 -1.11 9.40
CA ILE C 10 14.00 -1.60 10.26
C ILE C 10 14.39 -1.31 11.68
N LEU C 11 13.44 -0.82 12.45
CA LEU C 11 13.66 -0.43 13.81
C LEU C 11 12.55 -1.15 14.61
N SER C 12 12.92 -1.89 15.66
CA SER C 12 11.96 -2.50 16.58
C SER C 12 11.95 -1.78 17.92
N ALA C 13 10.78 -1.38 18.39
CA ALA C 13 10.73 -0.71 19.66
C ALA C 13 9.53 -1.19 20.49
N SER C 14 9.59 -1.14 21.82
CA SER C 14 8.30 -1.43 22.49
C SER C 14 7.50 -0.17 22.85
N PRO C 15 6.20 -0.30 23.03
CA PRO C 15 5.49 0.94 23.38
C PRO C 15 6.13 1.64 24.59
N GLY C 16 6.20 2.98 24.55
CA GLY C 16 6.84 3.71 25.62
C GLY C 16 8.28 4.05 25.36
N GLU C 17 8.96 3.31 24.48
CA GLU C 17 10.39 3.59 24.22
C GLU C 17 10.57 4.69 23.22
N LYS C 18 11.77 5.25 23.19
CA LYS C 18 12.12 6.39 22.37
C LYS C 18 12.84 5.89 21.15
N VAL C 19 12.41 6.22 19.95
CA VAL C 19 13.19 5.86 18.79
C VAL C 19 13.70 7.09 18.02
N THR C 20 14.79 6.92 17.30
CA THR C 20 15.33 7.92 16.42
C THR C 20 15.72 7.19 15.16
N MET C 21 15.37 7.72 14.00
CA MET C 21 15.81 7.21 12.74
C MET C 21 16.42 8.43 12.08
N THR C 22 17.38 8.19 11.21
CA THR C 22 18.22 9.27 10.74
C THR C 22 18.32 9.19 9.20
N CYS C 23 18.63 10.33 8.61
CA CYS C 23 18.59 10.53 7.16
C CYS C 23 19.81 11.38 6.83
N ARG C 24 20.72 10.80 6.07
CA ARG C 24 21.97 11.44 5.62
C ARG C 24 21.84 11.88 4.14
N ALA C 25 22.38 13.07 3.82
CA ALA C 25 22.39 13.56 2.44
C ALA C 25 23.83 13.58 1.86
N ARG C 26 23.97 13.26 0.57
CA ARG C 26 25.29 13.24 -0.13
C ARG C 26 26.06 14.58 -0.02
N SER C 27 25.32 15.69 -0.23
CA SER C 27 25.78 17.05 0.11
C SER C 27 24.70 17.85 0.90
N SER C 28 25.15 18.90 1.59
CA SER C 28 24.33 19.72 2.48
C SER C 28 22.93 20.10 1.96
N VAL C 29 21.90 19.77 2.74
CA VAL C 29 20.54 20.17 2.39
C VAL C 29 20.05 21.06 3.49
N SER C 30 19.06 21.86 3.20
CA SER C 30 18.74 22.93 4.08
C SER C 30 17.39 22.72 4.75
N TYR C 31 16.58 21.81 4.21
CA TYR C 31 15.27 21.46 4.76
C TYR C 31 15.00 20.02 4.46
N MET C 32 14.36 19.32 5.41
CA MET C 32 14.08 17.90 5.23
C MET C 32 12.63 17.63 5.55
N HIS C 33 11.96 16.85 4.71
CA HIS C 33 10.55 16.50 4.94
C HIS C 33 10.41 15.03 5.28
N TRP C 34 9.37 14.67 6.03
CA TRP C 34 9.18 13.30 6.41
C TRP C 34 7.74 12.93 6.16
N TYR C 35 7.53 11.72 5.65
CA TYR C 35 6.19 11.20 5.36
C TYR C 35 6.00 9.92 6.17
N GLN C 36 4.77 9.66 6.55
CA GLN C 36 4.44 8.37 7.13
C GLN C 36 3.56 7.64 6.15
N GLN C 37 3.88 6.36 5.91
CA GLN C 37 3.06 5.52 5.06
C GLN C 37 2.70 4.20 5.71
N LYS C 38 1.39 3.97 5.79
CA LYS C 38 0.81 2.67 6.07
C LYS C 38 0.27 2.10 4.78
N SER C 39 0.53 0.82 4.52
CA SER C 39 0.11 0.12 3.26
C SER C 39 -1.37 0.29 2.89
N GLY C 40 -1.61 0.20 1.58
CA GLY C 40 -2.92 0.50 1.00
C GLY C 40 -3.31 1.97 0.90
N SER C 41 -2.61 2.87 1.59
CA SER C 41 -2.77 4.30 1.37
C SER C 41 -1.45 5.00 0.99
N SER C 42 -1.53 6.25 0.59
CA SER C 42 -0.39 6.97 0.04
C SER C 42 0.34 7.74 1.16
N PRO C 43 1.59 8.16 0.93
CA PRO C 43 2.36 8.80 2.01
C PRO C 43 1.64 10.00 2.66
N LYS C 44 1.56 10.04 3.98
CA LYS C 44 0.99 11.21 4.62
C LYS C 44 2.11 12.14 5.04
N PRO C 45 2.01 13.42 4.67
CA PRO C 45 2.97 14.40 5.15
C PRO C 45 2.96 14.33 6.68
N TRP C 46 4.15 14.30 7.27
CA TRP C 46 4.29 14.08 8.70
C TRP C 46 5.11 15.22 9.37
N ILE C 47 6.30 15.47 8.84
CA ILE C 47 7.06 16.63 9.31
C ILE C 47 7.42 17.52 8.12
N HIS C 48 7.10 18.79 8.17
CA HIS C 48 7.49 19.65 7.05
C HIS C 48 8.60 20.56 7.46
N ALA C 49 9.52 20.80 6.55
CA ALA C 49 10.60 21.76 6.76
C ALA C 49 11.44 21.47 8.03
N THR C 50 11.87 20.23 8.16
CA THR C 50 12.78 19.79 9.22
C THR C 50 12.11 19.45 10.54
N SER C 51 11.30 20.36 11.07
CA SER C 51 10.89 20.26 12.47
C SER C 51 9.44 20.64 12.75
N ASN C 52 8.67 20.87 11.70
CA ASN C 52 7.29 21.32 11.85
C ASN C 52 6.33 20.17 11.63
N LEU C 53 5.48 19.92 12.61
CA LEU C 53 4.57 18.79 12.55
C LEU C 53 3.39 19.14 11.67
N ALA C 54 2.90 18.17 10.91
CA ALA C 54 1.73 18.42 10.07
C ALA C 54 0.47 18.41 10.92
N SER C 55 -0.51 19.21 10.54
CA SER C 55 -1.75 19.20 11.30
C SER C 55 -2.19 17.75 11.66
N GLY C 56 -2.41 17.50 12.95
CA GLY C 56 -2.90 16.20 13.40
C GLY C 56 -1.85 15.24 13.90
N VAL C 57 -0.59 15.41 13.48
CA VAL C 57 0.48 14.54 13.89
C VAL C 57 0.69 14.70 15.39
N PRO C 58 0.74 13.59 16.16
CA PRO C 58 0.85 13.76 17.62
C PRO C 58 2.19 14.36 18.06
N ALA C 59 2.14 15.07 19.18
CA ALA C 59 3.31 15.72 19.78
C ALA C 59 4.50 14.81 20.17
N ARG C 60 4.32 13.49 20.12
CA ARG C 60 5.45 12.60 20.43
C ARG C 60 6.49 12.60 19.32
N PHE C 61 6.11 13.13 18.15
CA PHE C 61 7.02 13.22 17.02
C PHE C 61 7.83 14.51 16.98
N SER C 62 9.07 14.41 16.46
CA SER C 62 9.91 15.60 16.28
C SER C 62 10.94 15.34 15.16
N GLY C 63 11.45 16.42 14.57
CA GLY C 63 12.47 16.29 13.56
C GLY C 63 13.49 17.32 13.92
N SER C 64 14.74 17.03 13.58
CA SER C 64 15.86 17.94 13.81
C SER C 64 16.90 17.70 12.75
N GLY C 65 17.95 18.52 12.76
CA GLY C 65 19.11 18.23 11.92
C GLY C 65 19.47 19.44 11.11
N SER C 66 20.54 19.32 10.35
CA SER C 66 21.10 20.41 9.54
C SER C 66 22.16 19.79 8.69
N GLY C 67 22.62 20.52 7.67
CA GLY C 67 23.76 20.08 6.87
C GLY C 67 23.48 18.78 6.15
N THR C 68 24.12 17.70 6.58
CA THR C 68 23.97 16.45 5.86
C THR C 68 23.37 15.36 6.78
N SER C 69 23.05 15.73 8.02
CA SER C 69 22.42 14.78 8.92
C SER C 69 21.12 15.30 9.49
N TYR C 70 20.02 14.59 9.23
CA TYR C 70 18.69 14.93 9.81
C TYR C 70 18.10 13.70 10.45
N SER C 71 17.10 13.90 11.31
CA SER C 71 16.43 12.79 11.94
C SER C 71 15.01 13.07 12.37
N LEU C 72 14.32 11.97 12.66
CA LEU C 72 13.00 11.95 13.16
C LEU C 72 12.98 11.09 14.46
N THR C 73 12.35 11.62 15.50
CA THR C 73 12.31 11.01 16.79
C THR C 73 10.87 10.84 17.25
N ILE C 74 10.62 9.73 17.93
CA ILE C 74 9.35 9.50 18.59
C ILE C 74 9.67 9.31 20.07
N SER C 75 9.24 10.25 20.92
CA SER C 75 9.67 10.23 22.32
C SER C 75 9.14 9.01 23.04
N ARG C 76 7.89 8.62 22.77
CA ARG C 76 7.39 7.34 23.24
C ARG C 76 6.46 6.73 22.21
N VAL C 77 7.02 5.71 21.54
CA VAL C 77 6.39 4.94 20.52
C VAL C 77 5.02 4.36 20.99
N GLU C 78 4.07 4.30 20.05
CA GLU C 78 2.76 3.72 20.26
C GLU C 78 2.44 2.71 19.16
N ALA C 79 1.60 1.74 19.49
CA ALA C 79 1.13 0.77 18.52
C ALA C 79 0.82 1.38 17.12
N GLU C 80 0.12 2.51 17.11
CA GLU C 80 -0.36 3.04 15.85
C GLU C 80 0.77 3.63 15.03
N ASP C 81 1.98 3.74 15.62
CA ASP C 81 3.11 4.34 14.94
C ASP C 81 3.81 3.34 14.02
N ALA C 82 3.34 2.09 13.95
CA ALA C 82 3.86 1.10 12.99
C ALA C 82 3.61 1.56 11.56
N ALA C 83 4.70 1.82 10.81
CA ALA C 83 4.65 2.33 9.44
C ALA C 83 6.04 2.36 8.85
N THR C 84 6.16 2.95 7.67
CA THR C 84 7.41 3.23 7.08
C THR C 84 7.53 4.74 6.97
N TYR C 85 8.67 5.28 7.35
CA TYR C 85 8.90 6.73 7.33
C TYR C 85 9.96 7.06 6.29
N TYR C 86 9.67 8.06 5.46
CA TYR C 86 10.60 8.45 4.38
C TYR C 86 11.04 9.89 4.54
N CYS C 87 12.34 10.14 4.36
CA CYS C 87 12.75 11.51 4.28
C CYS C 87 12.75 11.98 2.81
N GLN C 88 12.65 13.30 2.63
CA GLN C 88 12.63 13.92 1.31
C GLN C 88 13.19 15.33 1.40
N GLN C 89 14.08 15.69 0.44
CA GLN C 89 14.58 17.06 0.29
C GLN C 89 14.39 17.64 -1.10
N TRP C 90 14.37 18.97 -1.19
CA TRP C 90 14.38 19.71 -2.45
C TRP C 90 15.21 21.00 -2.35
N SER C 91 16.12 21.06 -1.40
CA SER C 91 17.07 22.15 -1.34
C SER C 91 17.84 22.16 -2.67
N SER C 92 18.18 20.97 -3.17
CA SER C 92 18.83 20.95 -4.44
C SER C 92 18.03 20.10 -5.46
N HIS C 93 17.89 20.60 -6.67
CA HIS C 93 17.08 19.92 -7.66
C HIS C 93 17.91 18.85 -8.42
N PRO C 94 17.34 17.67 -8.74
CA PRO C 94 15.98 17.14 -8.53
C PRO C 94 15.76 16.69 -7.08
N PRO C 95 14.50 16.65 -6.63
CA PRO C 95 14.23 16.23 -5.25
C PRO C 95 14.38 14.73 -5.10
N THR C 96 14.78 14.30 -3.91
CA THR C 96 15.10 12.90 -3.69
C THR C 96 14.41 12.36 -2.45
N PHE C 97 14.07 11.08 -2.46
CA PHE C 97 13.50 10.43 -1.28
C PHE C 97 14.48 9.40 -0.78
N GLY C 98 14.60 9.28 0.54
CA GLY C 98 15.30 8.13 1.12
C GLY C 98 14.41 6.90 0.96
N SER C 99 14.96 5.73 1.15
CA SER C 99 14.22 4.51 0.86
C SER C 99 13.37 4.03 2.06
N GLY C 100 13.35 4.76 3.16
CA GLY C 100 12.42 4.41 4.23
C GLY C 100 13.02 3.66 5.38
N THR C 101 12.44 3.90 6.56
CA THR C 101 12.66 3.16 7.79
C THR C 101 11.30 2.57 8.20
N LYS C 102 11.26 1.26 8.38
CA LYS C 102 10.07 0.61 8.87
C LYS C 102 10.15 0.43 10.40
N LEU C 103 9.11 0.90 11.08
CA LEU C 103 9.02 0.79 12.52
C LEU C 103 8.12 -0.39 12.92
N GLU C 104 8.70 -1.37 13.58
CA GLU C 104 7.93 -2.51 14.13
C GLU C 104 7.67 -2.31 15.59
N ILE C 105 6.45 -2.61 16.01
CA ILE C 105 6.16 -2.51 17.44
C ILE C 105 6.24 -3.89 18.08
N LYS C 106 6.95 -3.96 19.21
CA LYS C 106 7.05 -5.17 20.04
C LYS C 106 5.82 -5.31 20.95
N ARG C 107 5.34 -6.53 21.13
CA ARG C 107 4.25 -6.76 22.03
C ARG C 107 4.45 -8.19 22.53
N ALA C 108 3.59 -8.64 23.45
CA ALA C 108 3.65 -9.99 23.98
C ALA C 108 3.35 -11.03 22.89
N ASP C 109 3.89 -12.23 23.09
CA ASP C 109 3.71 -13.29 22.17
C ASP C 109 2.23 -13.63 22.07
N ALA C 110 1.78 -14.03 20.88
CA ALA C 110 0.42 -14.40 20.69
C ALA C 110 0.40 -15.49 19.66
N ALA C 111 -0.35 -16.54 19.98
CA ALA C 111 -0.39 -17.70 19.17
C ALA C 111 -1.36 -17.42 18.02
N PRO C 112 -1.10 -17.96 16.80
CA PRO C 112 -2.02 -17.73 15.66
C PRO C 112 -3.35 -18.44 15.91
N THR C 113 -4.44 -17.95 15.34
CA THR C 113 -5.67 -18.67 15.28
C THR C 113 -5.65 -19.23 13.87
N VAL C 114 -5.58 -20.56 13.75
CA VAL C 114 -5.48 -21.23 12.45
C VAL C 114 -6.86 -21.73 12.00
N SER C 115 -7.21 -21.52 10.73
CA SER C 115 -8.47 -21.99 10.14
C SER C 115 -8.17 -22.57 8.76
N ILE C 116 -8.60 -23.80 8.52
CA ILE C 116 -8.42 -24.45 7.23
C ILE C 116 -9.76 -24.51 6.43
N PHE C 117 -9.68 -24.44 5.11
CA PHE C 117 -10.85 -24.47 4.25
C PHE C 117 -10.66 -25.42 3.07
N PRO C 118 -11.55 -26.41 2.94
CA PRO C 118 -11.54 -27.27 1.77
C PRO C 118 -11.85 -26.39 0.55
N PRO C 119 -11.51 -26.85 -0.67
CA PRO C 119 -11.85 -26.09 -1.85
C PRO C 119 -13.37 -25.94 -1.91
N SER C 120 -13.89 -24.78 -2.35
CA SER C 120 -15.34 -24.64 -2.50
C SER C 120 -15.83 -25.53 -3.64
N SER C 121 -17.10 -25.95 -3.55
CA SER C 121 -17.67 -26.76 -4.63
C SER C 121 -17.51 -26.04 -6.00
N GLU C 122 -17.69 -24.71 -6.00
CA GLU C 122 -17.53 -23.88 -7.21
C GLU C 122 -16.20 -24.05 -7.93
N GLN C 123 -15.10 -24.03 -7.20
CA GLN C 123 -13.82 -24.16 -7.86
C GLN C 123 -13.66 -25.57 -8.38
N LEU C 124 -14.20 -26.54 -7.66
CA LEU C 124 -14.02 -27.91 -8.07
C LEU C 124 -14.70 -28.16 -9.43
N THR C 125 -15.92 -27.67 -9.57
CA THR C 125 -16.62 -27.58 -10.86
C THR C 125 -15.70 -27.14 -12.06
N SER C 126 -14.88 -26.11 -11.87
CA SER C 126 -14.11 -25.59 -13.00
C SER C 126 -12.77 -26.27 -13.24
N GLY C 127 -12.45 -27.29 -12.45
CA GLY C 127 -11.23 -28.06 -12.63
C GLY C 127 -10.13 -27.87 -11.59
N GLY C 128 -10.17 -26.79 -10.81
CA GLY C 128 -9.11 -26.51 -9.84
C GLY C 128 -9.50 -26.90 -8.44
N ALA C 129 -8.54 -26.89 -7.52
CA ALA C 129 -8.80 -27.18 -6.12
C ALA C 129 -7.75 -26.49 -5.27
N SER C 130 -8.19 -25.52 -4.48
CA SER C 130 -7.26 -24.82 -3.64
C SER C 130 -7.65 -25.08 -2.22
N VAL C 131 -6.67 -25.50 -1.42
CA VAL C 131 -6.88 -25.62 0.01
C VAL C 131 -6.24 -24.39 0.67
N VAL C 132 -6.93 -23.81 1.64
CA VAL C 132 -6.60 -22.48 2.13
C VAL C 132 -6.48 -22.48 3.64
N CYS C 133 -5.41 -21.90 4.13
CA CYS C 133 -5.17 -21.90 5.54
C CYS C 133 -4.89 -20.50 6.01
N PHE C 134 -5.69 -20.00 6.94
CA PHE C 134 -5.42 -18.69 7.53
C PHE C 134 -4.79 -18.79 8.91
N LEU C 135 -3.74 -18.00 9.13
CA LEU C 135 -3.08 -17.96 10.41
C LEU C 135 -3.12 -16.53 10.90
N ASN C 136 -3.99 -16.24 11.85
CA ASN C 136 -4.32 -14.88 12.15
C ASN C 136 -3.90 -14.40 13.53
N ASN C 137 -3.53 -13.13 13.63
CA ASN C 137 -3.28 -12.47 14.90
C ASN C 137 -2.18 -13.08 15.77
N PHE C 138 -1.02 -13.33 15.16
CA PHE C 138 0.09 -13.91 15.92
C PHE C 138 1.22 -12.92 16.13
N TYR C 139 2.00 -13.15 17.19
CA TYR C 139 3.28 -12.45 17.40
C TYR C 139 4.28 -13.44 18.03
N PRO C 140 5.56 -13.34 17.70
CA PRO C 140 6.24 -12.52 16.70
C PRO C 140 6.00 -12.95 15.23
N LYS C 141 6.62 -12.25 14.30
CA LYS C 141 6.26 -12.42 12.89
C LYS C 141 6.71 -13.77 12.33
N ASP C 142 7.62 -14.44 13.02
CA ASP C 142 8.25 -15.65 12.49
C ASP C 142 7.30 -16.83 12.61
N ILE C 143 7.17 -17.55 11.50
CA ILE C 143 6.21 -18.62 11.39
C ILE C 143 6.48 -19.32 10.08
N ASN C 144 6.22 -20.63 10.02
CA ASN C 144 6.16 -21.26 8.71
C ASN C 144 5.05 -22.27 8.78
N VAL C 145 4.51 -22.57 7.61
CA VAL C 145 3.42 -23.51 7.52
C VAL C 145 3.83 -24.60 6.54
N LYS C 146 3.56 -25.86 6.90
CA LYS C 146 3.78 -26.94 5.96
C LYS C 146 2.46 -27.56 5.58
N TRP C 147 2.37 -28.02 4.35
CA TRP C 147 1.17 -28.73 3.87
C TRP C 147 1.43 -30.23 3.81
N LYS C 148 0.53 -31.00 4.39
CA LYS C 148 0.63 -32.45 4.29
C LYS C 148 -0.66 -33.00 3.71
N ILE C 149 -0.52 -33.68 2.59
CA ILE C 149 -1.61 -34.39 1.96
C ILE C 149 -1.51 -35.86 2.32
N ASP C 150 -2.56 -36.33 2.96
CA ASP C 150 -2.79 -37.76 3.19
C ASP C 150 -1.83 -38.35 4.19
N GLY C 151 -0.85 -39.10 3.69
CA GLY C 151 0.24 -39.42 4.56
C GLY C 151 0.55 -38.02 5.07
N SER C 152 0.83 -37.87 6.37
CA SER C 152 1.57 -36.68 6.73
C SER C 152 2.78 -36.74 5.76
N GLU C 153 2.49 -36.32 4.53
CA GLU C 153 3.42 -36.27 3.42
C GLU C 153 3.39 -34.84 2.83
N ARG C 154 4.53 -34.17 2.89
CA ARG C 154 4.68 -32.76 2.56
C ARG C 154 4.55 -32.43 1.05
N GLN C 155 4.03 -31.25 0.70
CA GLN C 155 3.94 -30.77 -0.69
C GLN C 155 4.43 -29.30 -0.87
N ASN C 156 5.07 -28.98 -2.02
CA ASN C 156 5.07 -27.60 -2.68
C ASN C 156 4.01 -27.34 -3.88
N GLY C 157 3.95 -26.14 -4.47
CA GLY C 157 2.69 -25.66 -5.13
C GLY C 157 1.83 -24.78 -4.19
N VAL C 158 2.51 -24.18 -3.21
CA VAL C 158 1.85 -23.32 -2.22
C VAL C 158 2.23 -21.86 -2.46
N LEU C 159 1.31 -20.99 -2.07
CA LEU C 159 1.43 -19.54 -2.20
C LEU C 159 1.11 -18.92 -0.84
N ASN C 160 2.07 -18.18 -0.32
CA ASN C 160 1.85 -17.47 0.95
C ASN C 160 1.81 -15.94 0.80
N SER C 161 1.05 -15.32 1.70
CA SER C 161 0.95 -13.89 1.74
C SER C 161 0.90 -13.45 3.20
N TRP C 162 1.57 -12.35 3.54
CA TRP C 162 1.58 -11.82 4.90
C TRP C 162 1.04 -10.41 4.97
N THR C 163 0.27 -10.09 6.00
CA THR C 163 -0.18 -8.71 6.16
C THR C 163 0.92 -7.90 6.80
N ASP C 164 0.76 -6.59 6.71
CA ASP C 164 1.60 -5.67 7.45
C ASP C 164 1.22 -5.73 8.94
N GLN C 165 2.08 -5.21 9.81
CA GLN C 165 1.76 -5.17 11.22
C GLN C 165 0.47 -4.37 11.51
N ASP C 166 -0.43 -4.97 12.27
CA ASP C 166 -1.69 -4.31 12.61
C ASP C 166 -1.50 -3.05 13.47
N SER C 167 -2.18 -2.00 13.07
CA SER C 167 -2.17 -0.73 13.79
C SER C 167 -2.70 -0.71 15.24
N LYS C 168 -3.81 -1.42 15.55
CA LYS C 168 -4.28 -1.48 16.95
C LYS C 168 -3.60 -2.52 17.79
N ASP C 169 -3.43 -3.71 17.22
CA ASP C 169 -2.94 -4.99 17.81
C ASP C 169 -1.44 -5.21 17.92
N SER C 170 -0.71 -4.66 16.95
CA SER C 170 0.67 -5.06 16.65
C SER C 170 0.87 -6.55 16.27
N THR C 171 -0.16 -7.25 15.84
CA THR C 171 0.02 -8.65 15.42
C THR C 171 0.25 -8.75 13.90
N TYR C 172 0.53 -9.97 13.45
CA TYR C 172 0.69 -10.31 12.05
C TYR C 172 -0.29 -11.39 11.69
N SER C 173 -0.61 -11.53 10.41
CA SER C 173 -1.42 -12.65 9.95
C SER C 173 -0.89 -13.15 8.64
N MET C 174 -1.12 -14.42 8.35
CA MET C 174 -0.76 -14.90 7.04
C MET C 174 -1.83 -15.84 6.48
N SER C 175 -1.82 -15.90 5.15
CA SER C 175 -2.65 -16.83 4.41
C SER C 175 -1.77 -17.73 3.54
N SER C 176 -2.04 -19.03 3.58
CA SER C 176 -1.31 -19.99 2.80
C SER C 176 -2.30 -20.77 1.95
N THR C 177 -2.06 -20.86 0.65
CA THR C 177 -2.96 -21.61 -0.20
C THR C 177 -2.23 -22.75 -0.90
N LEU C 178 -2.77 -23.96 -0.79
CA LEU C 178 -2.30 -25.10 -1.56
C LEU C 178 -3.19 -25.28 -2.78
N THR C 179 -2.60 -25.18 -3.97
CA THR C 179 -3.36 -25.36 -5.21
C THR C 179 -3.03 -26.64 -5.99
N LEU C 180 -4.05 -27.46 -6.22
CA LEU C 180 -3.91 -28.73 -6.90
C LEU C 180 -4.87 -28.79 -8.10
N THR C 181 -4.65 -29.76 -9.01
CA THR C 181 -5.70 -30.11 -9.98
C THR C 181 -6.77 -30.83 -9.21
N LYS C 182 -8.04 -30.64 -9.60
CA LYS C 182 -9.16 -31.41 -9.04
C LYS C 182 -8.95 -32.95 -9.10
N ASP C 183 -8.39 -33.44 -10.19
CA ASP C 183 -8.00 -34.85 -10.28
C ASP C 183 -7.22 -35.26 -9.04
N GLU C 184 -6.09 -34.59 -8.83
CA GLU C 184 -5.17 -34.98 -7.79
C GLU C 184 -5.76 -34.77 -6.41
N TYR C 185 -6.59 -33.76 -6.28
CA TYR C 185 -7.23 -33.55 -5.00
C TYR C 185 -8.19 -34.70 -4.66
N GLU C 186 -8.83 -35.28 -5.67
CA GLU C 186 -9.80 -36.37 -5.47
C GLU C 186 -9.14 -37.67 -5.04
N ARG C 187 -7.89 -37.86 -5.48
CA ARG C 187 -7.09 -39.02 -5.17
C ARG C 187 -6.65 -39.15 -3.71
N HIS C 188 -6.78 -38.11 -2.89
CA HIS C 188 -6.29 -38.18 -1.50
C HIS C 188 -7.34 -37.80 -0.50
N ASN C 189 -7.04 -37.98 0.78
CA ASN C 189 -8.08 -37.86 1.77
C ASN C 189 -7.87 -36.83 2.88
N SER C 190 -6.79 -36.94 3.66
CA SER C 190 -6.56 -35.96 4.72
C SER C 190 -5.71 -34.79 4.21
N TYR C 191 -6.09 -33.58 4.62
CA TYR C 191 -5.29 -32.41 4.26
C TYR C 191 -4.94 -31.62 5.50
N THR C 192 -3.67 -31.27 5.63
CA THR C 192 -3.23 -30.60 6.85
C THR C 192 -2.34 -29.40 6.60
N CYS C 193 -2.64 -28.29 7.27
CA CYS C 193 -1.63 -27.21 7.42
C CYS C 193 -1.05 -27.23 8.84
N GLU C 194 0.28 -27.21 8.90
CA GLU C 194 1.05 -27.25 10.14
C GLU C 194 1.83 -25.97 10.32
N ALA C 195 1.55 -25.27 11.41
CA ALA C 195 2.24 -24.02 11.71
C ALA C 195 3.23 -24.19 12.84
N THR C 196 4.46 -23.84 12.58
CA THR C 196 5.39 -23.80 13.67
C THR C 196 5.68 -22.36 14.08
N HIS C 197 5.50 -22.08 15.37
CA HIS C 197 5.61 -20.73 15.87
C HIS C 197 6.20 -20.78 17.27
N LYS C 198 6.87 -19.72 17.70
CA LYS C 198 7.47 -19.67 19.03
C LYS C 198 6.50 -20.04 20.19
N THR C 199 5.19 -19.96 19.99
CA THR C 199 4.23 -20.21 21.08
C THR C 199 3.83 -21.68 21.39
N SER C 200 4.20 -22.63 20.55
CA SER C 200 4.14 -24.03 20.98
C SER C 200 5.40 -24.71 20.65
N THR C 201 5.66 -25.73 21.47
CA THR C 201 6.84 -26.55 21.36
C THR C 201 6.60 -27.52 20.20
N SER C 202 5.33 -27.79 19.88
CA SER C 202 5.01 -28.59 18.68
C SER C 202 4.03 -27.93 17.68
N PRO C 203 4.04 -28.41 16.42
CA PRO C 203 3.30 -27.71 15.35
C PRO C 203 1.82 -27.50 15.69
N ILE C 204 1.29 -26.29 15.54
CA ILE C 204 -0.17 -26.07 15.55
C ILE C 204 -0.78 -26.67 14.26
N VAL C 205 -1.66 -27.66 14.38
CA VAL C 205 -2.19 -28.37 13.21
C VAL C 205 -3.67 -28.13 13.01
N LYS C 206 -4.08 -27.89 11.78
CA LYS C 206 -5.49 -27.96 11.41
C LYS C 206 -5.60 -28.86 10.19
N SER C 207 -6.68 -29.64 10.14
CA SER C 207 -6.83 -30.75 9.21
C SER C 207 -8.28 -31.01 8.83
N PHE C 208 -8.50 -31.67 7.71
CA PHE C 208 -9.85 -32.15 7.37
C PHE C 208 -9.71 -33.31 6.42
N ASN C 209 -10.73 -34.18 6.38
CA ASN C 209 -10.74 -35.31 5.46
C ASN C 209 -11.73 -35.08 4.35
N ARG C 210 -11.31 -35.42 3.14
CA ARG C 210 -12.01 -35.10 1.91
C ARG C 210 -13.34 -35.81 1.81
N ASN C 211 -13.38 -37.10 2.13
CA ASN C 211 -14.64 -37.86 2.15
C ASN C 211 -15.54 -37.46 3.34
N GLU C 212 -15.99 -36.20 3.32
CA GLU C 212 -16.76 -35.61 4.41
C GLU C 212 -17.89 -34.74 3.87
N CYS C 213 -18.39 -33.86 4.74
CA CYS C 213 -19.57 -33.05 4.45
C CYS C 213 -19.41 -31.62 4.98
#